data_1OTH
#
_entry.id   1OTH
#
_cell.length_a   125.900
_cell.length_b   125.900
_cell.length_c   125.900
_cell.angle_alpha   90.00
_cell.angle_beta   90.00
_cell.angle_gamma   90.00
#
_symmetry.space_group_name_H-M   'P 21 3'
#
loop_
_entity.id
_entity.type
_entity.pdbx_description
1 polymer 'PROTEIN (ORNITHINE TRANSCARBAMOYLASE)'
2 non-polymer N-(PHOSPHONOACETYL)-L-ORNITHINE
3 water water
#
_entity_poly.entity_id   1
_entity_poly.type   'polypeptide(L)'
_entity_poly.pdbx_seq_one_letter_code
;KVQLKGRDLLTLKNFTGEEIKYMLWLSADLKFRIKQKGEYLPLLQGKSLGMIFEKRSTRTRLSTETGFALLGGHPCFLTT
QDIHLGVNESLTDTARVLSSMADAVLARVYKQSDLDTLAKEASIPIINGLSDLYHPIQILADYLTLQEHYSSLKGLTLSW
IGDGNNILHSIMMSAAKFGMHLQAATPKGYEPDASVTKLAEQYAKENGTKLLLTNDPLEAAHGGNVLITDTWISMGREEE
KKKRLQAFQGYQVTMKTAKVAASDWTFLHCLPRKPEEVDDEVFYSPRSLVFPEAENRKWTIMAVMVSLLTDYSPQLQKPK
F
;
_entity_poly.pdbx_strand_id   A
#
loop_
_chem_comp.id
_chem_comp.type
_chem_comp.name
_chem_comp.formula
PAO non-polymer N-(PHOSPHONOACETYL)-L-ORNITHINE 'C7 H15 N2 O6 P'
#
# COMPACT_ATOMS: atom_id res chain seq x y z
N LYS A 1 0.10 -1.54 24.90
CA LYS A 1 -0.34 -2.61 24.04
C LYS A 1 0.50 -2.65 22.76
N VAL A 2 0.16 -1.83 21.74
CA VAL A 2 0.92 -1.72 20.49
C VAL A 2 2.08 -0.75 20.66
N GLN A 3 3.28 -1.18 20.25
CA GLN A 3 4.47 -0.36 20.31
C GLN A 3 5.19 -0.42 18.97
N LEU A 4 5.15 0.67 18.20
CA LEU A 4 5.75 0.66 16.88
C LEU A 4 6.96 1.57 16.72
N LYS A 5 7.30 2.39 17.73
CA LYS A 5 8.44 3.30 17.66
C LYS A 5 9.77 2.58 17.45
N GLY A 6 10.47 3.02 16.40
CA GLY A 6 11.76 2.44 16.05
C GLY A 6 11.69 1.28 15.08
N ARG A 7 10.50 0.76 14.79
CA ARG A 7 10.38 -0.35 13.84
C ARG A 7 10.55 0.07 12.38
N ASP A 8 10.90 -0.92 11.55
CA ASP A 8 10.90 -0.72 10.11
C ASP A 8 9.51 -1.09 9.58
N LEU A 9 9.15 -0.67 8.37
CA LEU A 9 7.90 -1.11 7.76
C LEU A 9 8.24 -1.52 6.33
N LEU A 10 8.61 -2.80 6.21
CA LEU A 10 9.02 -3.31 4.91
C LEU A 10 7.93 -4.10 4.18
N THR A 11 7.07 -4.71 5.00
CA THR A 11 5.92 -5.51 4.57
C THR A 11 5.01 -5.72 5.77
N LEU A 12 3.73 -5.79 5.42
CA LEU A 12 2.64 -6.03 6.35
C LEU A 12 2.63 -7.46 6.91
N LYS A 13 3.41 -8.41 6.35
CA LYS A 13 3.46 -9.72 6.98
C LYS A 13 4.14 -9.69 8.34
N ASN A 14 4.94 -8.65 8.63
CA ASN A 14 5.61 -8.50 9.90
C ASN A 14 4.77 -7.77 10.93
N PHE A 15 3.50 -7.51 10.60
CA PHE A 15 2.58 -6.77 11.46
C PHE A 15 1.30 -7.54 11.74
N THR A 16 0.87 -7.48 13.00
CA THR A 16 -0.39 -8.10 13.40
C THR A 16 -1.57 -7.22 13.01
N GLY A 17 -2.77 -7.81 13.04
CA GLY A 17 -4.02 -7.11 12.78
C GLY A 17 -4.14 -5.92 13.73
N GLU A 18 -3.76 -6.09 14.99
CA GLU A 18 -3.82 -5.02 15.96
C GLU A 18 -2.86 -3.87 15.67
N GLU A 19 -1.65 -4.18 15.16
CA GLU A 19 -0.70 -3.14 14.78
C GLU A 19 -1.12 -2.37 13.55
N ILE A 20 -1.69 -3.05 12.55
CA ILE A 20 -2.14 -2.37 11.34
C ILE A 20 -3.38 -1.53 11.66
N LYS A 21 -4.27 -2.01 12.55
CA LYS A 21 -5.43 -1.24 12.99
C LYS A 21 -4.99 0.02 13.73
N TYR A 22 -3.90 -0.08 14.49
CA TYR A 22 -3.35 1.08 15.19
C TYR A 22 -2.89 2.14 14.19
N MET A 23 -2.23 1.73 13.12
CA MET A 23 -1.81 2.65 12.07
C MET A 23 -3.00 3.32 11.39
N LEU A 24 -4.12 2.61 11.15
CA LEU A 24 -5.30 3.22 10.56
C LEU A 24 -6.03 4.15 11.55
N TRP A 25 -5.97 3.83 12.85
CA TRP A 25 -6.53 4.66 13.91
C TRP A 25 -5.78 5.99 13.94
N LEU A 26 -4.42 5.96 13.98
CA LEU A 26 -3.61 7.16 13.96
C LEU A 26 -3.85 7.98 12.68
N SER A 27 -4.03 7.33 11.51
CA SER A 27 -4.32 8.02 10.26
C SER A 27 -5.60 8.85 10.33
N ALA A 28 -6.65 8.21 10.89
CA ALA A 28 -7.95 8.81 11.10
C ALA A 28 -7.85 9.95 12.10
N ASP A 29 -7.02 9.80 13.15
CA ASP A 29 -6.85 10.85 14.15
C ASP A 29 -6.18 12.09 13.54
N LEU A 30 -5.08 11.87 12.81
CA LEU A 30 -4.34 12.92 12.14
C LEU A 30 -5.17 13.61 11.06
N LYS A 31 -5.95 12.84 10.27
CA LYS A 31 -6.85 13.41 9.29
C LYS A 31 -7.92 14.27 9.96
N PHE A 32 -8.54 13.81 11.06
CA PHE A 32 -9.55 14.60 11.77
C PHE A 32 -8.97 15.90 12.34
N ARG A 33 -7.86 15.82 13.09
CA ARG A 33 -7.24 17.01 13.68
C ARG A 33 -6.76 18.07 12.69
N ILE A 34 -6.06 17.65 11.64
CA ILE A 34 -5.51 18.58 10.66
C ILE A 34 -6.49 18.94 9.55
N LYS A 35 -7.07 17.97 8.81
CA LYS A 35 -7.98 18.28 7.72
C LYS A 35 -9.30 18.87 8.21
N GLN A 36 -9.93 18.29 9.25
CA GLN A 36 -11.22 18.79 9.71
C GLN A 36 -11.10 19.89 10.75
N LYS A 37 -10.34 19.72 11.84
CA LYS A 37 -10.23 20.79 12.84
C LYS A 37 -9.27 21.92 12.49
N GLY A 38 -8.42 21.72 11.48
CA GLY A 38 -7.46 22.73 11.04
C GLY A 38 -6.30 22.96 12.00
N GLU A 39 -5.95 21.98 12.84
CA GLU A 39 -4.84 22.12 13.76
C GLU A 39 -3.49 22.00 13.05
N TYR A 40 -2.48 22.68 13.58
CA TYR A 40 -1.12 22.53 13.11
C TYR A 40 -0.41 21.69 14.16
N LEU A 41 0.04 20.51 13.74
CA LEU A 41 0.65 19.57 14.68
C LEU A 41 2.10 19.32 14.32
N PRO A 42 3.07 20.06 14.88
CA PRO A 42 4.48 19.96 14.52
C PRO A 42 5.16 18.77 15.19
N LEU A 43 4.55 17.58 15.03
CA LEU A 43 5.02 16.35 15.67
C LEU A 43 6.39 15.86 15.22
N LEU A 44 6.82 16.24 14.01
CA LEU A 44 8.10 15.82 13.50
C LEU A 44 9.05 17.01 13.35
N GLN A 45 8.86 18.03 14.20
CA GLN A 45 9.76 19.18 14.19
C GLN A 45 11.15 18.74 14.60
N GLY A 46 12.16 19.24 13.88
CA GLY A 46 13.54 18.88 14.12
C GLY A 46 13.88 17.50 13.57
N LYS A 47 13.01 16.89 12.75
CA LYS A 47 13.31 15.59 12.15
C LYS A 47 13.43 15.74 10.64
N SER A 48 14.16 14.81 10.01
CA SER A 48 14.29 14.76 8.57
C SER A 48 14.06 13.35 8.02
N LEU A 49 13.66 13.30 6.76
CA LEU A 49 13.40 12.07 6.05
C LEU A 49 14.23 11.97 4.77
N GLY A 50 14.91 10.84 4.59
CA GLY A 50 15.61 10.59 3.34
C GLY A 50 14.71 9.80 2.41
N MET A 51 14.30 10.37 1.26
CA MET A 51 13.43 9.71 0.30
C MET A 51 14.20 9.24 -0.92
N ILE A 52 14.48 7.92 -1.01
CA ILE A 52 15.17 7.36 -2.16
C ILE A 52 14.15 6.80 -3.15
N PHE A 53 14.18 7.31 -4.37
CA PHE A 53 13.29 6.88 -5.42
C PHE A 53 14.03 6.39 -6.65
N GLU A 54 13.90 5.09 -6.93
CA GLU A 54 14.53 4.47 -8.10
C GLU A 54 13.55 4.32 -9.25
N LYS A 55 12.29 4.71 -8.99
CA LYS A 55 11.19 4.63 -9.95
C LYS A 55 10.35 5.89 -9.83
N ARG A 56 9.56 6.20 -10.87
CA ARG A 56 8.67 7.34 -10.86
C ARG A 56 7.58 7.23 -9.81
N SER A 57 7.03 8.38 -9.43
CA SER A 57 5.98 8.46 -8.44
C SER A 57 5.30 9.82 -8.46
N THR A 58 3.97 9.86 -8.37
CA THR A 58 3.23 11.10 -8.19
C THR A 58 2.65 11.08 -6.78
N ARG A 59 1.83 10.08 -6.43
CA ARG A 59 1.21 9.98 -5.11
C ARG A 59 2.12 9.67 -3.94
N THR A 60 3.03 8.68 -4.03
CA THR A 60 3.93 8.34 -2.93
C THR A 60 4.84 9.53 -2.68
N ARG A 61 5.34 10.16 -3.74
CA ARG A 61 6.19 11.34 -3.65
C ARG A 61 5.50 12.51 -2.97
N LEU A 62 4.33 12.96 -3.47
CA LEU A 62 3.60 14.08 -2.91
C LEU A 62 3.06 13.85 -1.51
N SER A 63 2.46 12.68 -1.26
CA SER A 63 1.88 12.37 0.03
C SER A 63 2.96 12.35 1.10
N THR A 64 4.12 11.75 0.79
CA THR A 64 5.23 11.64 1.73
C THR A 64 5.88 13.01 1.93
N GLU A 65 6.15 13.75 0.85
CA GLU A 65 6.82 15.04 0.97
C GLU A 65 5.96 16.09 1.68
N THR A 66 4.71 16.29 1.25
CA THR A 66 3.84 17.28 1.88
C THR A 66 3.41 16.80 3.26
N GLY A 67 3.27 15.48 3.47
CA GLY A 67 2.90 14.90 4.75
C GLY A 67 3.98 15.07 5.82
N PHE A 68 5.25 14.82 5.50
CA PHE A 68 6.34 14.96 6.46
C PHE A 68 6.53 16.43 6.87
N ALA A 69 6.45 17.31 5.86
CA ALA A 69 6.56 18.74 6.07
C ALA A 69 5.38 19.34 6.82
N LEU A 70 4.16 18.82 6.65
CA LEU A 70 2.97 19.29 7.35
C LEU A 70 3.10 19.03 8.85
N LEU A 71 3.87 18.00 9.23
CA LEU A 71 4.13 17.74 10.63
C LEU A 71 5.42 18.41 11.14
N GLY A 72 5.96 19.38 10.39
CA GLY A 72 7.11 20.18 10.81
C GLY A 72 8.47 19.62 10.44
N GLY A 73 8.56 18.45 9.78
CA GLY A 73 9.84 17.85 9.43
C GLY A 73 10.32 18.22 8.03
N HIS A 74 11.58 17.87 7.72
CA HIS A 74 12.13 18.16 6.40
C HIS A 74 12.32 16.90 5.54
N PRO A 75 11.59 16.77 4.43
CA PRO A 75 11.74 15.68 3.47
C PRO A 75 12.83 16.01 2.44
N CYS A 76 13.67 15.03 2.15
CA CYS A 76 14.74 15.22 1.20
C CYS A 76 14.63 14.19 0.07
N PHE A 77 14.32 14.67 -1.15
CA PHE A 77 14.13 13.84 -2.34
C PHE A 77 15.42 13.53 -3.08
N LEU A 78 15.80 12.25 -3.00
CA LEU A 78 17.05 11.75 -3.55
C LEU A 78 16.79 10.78 -4.69
N THR A 79 17.34 11.02 -5.86
CA THR A 79 17.21 10.10 -7.00
C THR A 79 18.55 9.49 -7.36
N THR A 80 18.43 8.44 -8.19
CA THR A 80 19.53 7.67 -8.74
C THR A 80 20.55 8.58 -9.44
N GLN A 81 20.11 9.61 -10.16
CA GLN A 81 20.98 10.53 -10.90
C GLN A 81 21.74 11.54 -10.06
N ASP A 82 21.30 11.75 -8.82
CA ASP A 82 21.94 12.73 -7.94
C ASP A 82 22.85 12.15 -6.88
N ILE A 83 22.49 11.00 -6.29
CA ILE A 83 23.31 10.41 -5.23
C ILE A 83 24.23 9.35 -5.80
N HIS A 84 25.23 8.90 -5.02
CA HIS A 84 26.22 7.94 -5.49
C HIS A 84 25.78 6.50 -5.62
N LEU A 85 24.67 6.12 -4.94
CA LEU A 85 24.16 4.75 -4.93
C LEU A 85 24.16 4.00 -6.25
N GLY A 86 24.63 2.75 -6.09
CA GLY A 86 24.73 1.76 -7.14
C GLY A 86 26.10 1.80 -7.82
N VAL A 87 26.37 2.95 -8.44
CA VAL A 87 27.57 3.25 -9.16
C VAL A 87 28.80 3.48 -8.24
N ASN A 88 29.15 4.64 -7.69
CA ASN A 88 30.34 4.88 -6.90
C ASN A 88 30.22 4.32 -5.51
N GLU A 89 29.02 3.84 -5.08
CA GLU A 89 28.83 3.43 -3.70
C GLU A 89 27.88 2.30 -3.40
N SER A 90 28.25 1.51 -2.39
CA SER A 90 27.43 0.43 -1.91
C SER A 90 26.28 0.90 -1.01
N LEU A 91 25.29 0.02 -0.97
CA LEU A 91 24.08 0.21 -0.20
C LEU A 91 24.35 0.15 1.29
N THR A 92 25.32 -0.67 1.74
CA THR A 92 25.70 -0.75 3.15
C THR A 92 26.24 0.59 3.63
N ASP A 93 27.13 1.18 2.84
CA ASP A 93 27.70 2.48 3.17
C ASP A 93 26.69 3.60 3.09
N THR A 94 25.84 3.58 2.05
CA THR A 94 24.76 4.55 1.90
C THR A 94 23.82 4.47 3.11
N ALA A 95 23.50 3.24 3.57
CA ALA A 95 22.64 3.02 4.73
C ALA A 95 23.19 3.58 6.02
N ARG A 96 24.48 3.39 6.26
CA ARG A 96 25.11 3.93 7.46
C ARG A 96 25.19 5.45 7.44
N VAL A 97 25.46 6.04 6.28
CA VAL A 97 25.49 7.49 6.17
C VAL A 97 24.11 8.10 6.37
N LEU A 98 23.04 7.50 5.79
CA LEU A 98 21.67 7.98 5.97
C LEU A 98 21.25 7.98 7.43
N SER A 99 21.71 6.97 8.18
CA SER A 99 21.45 6.81 9.60
C SER A 99 21.89 7.96 10.46
N SER A 100 23.06 8.50 10.14
CA SER A 100 23.60 9.58 10.94
C SER A 100 23.08 10.94 10.50
N MET A 101 22.50 11.03 9.30
CA MET A 101 22.00 12.30 8.78
C MET A 101 20.50 12.55 8.74
N ALA A 102 19.70 11.49 8.75
CA ALA A 102 18.25 11.59 8.76
C ALA A 102 17.67 10.75 9.88
N ASP A 103 16.38 10.95 10.16
CA ASP A 103 15.70 10.18 11.20
C ASP A 103 14.95 8.97 10.68
N ALA A 104 14.70 8.91 9.36
CA ALA A 104 14.08 7.76 8.73
C ALA A 104 14.33 7.85 7.23
N VAL A 105 14.08 6.73 6.55
CA VAL A 105 14.23 6.63 5.11
C VAL A 105 12.96 6.03 4.51
N LEU A 106 12.46 6.61 3.41
CA LEU A 106 11.43 5.92 2.63
C LEU A 106 12.10 5.64 1.29
N ALA A 107 12.03 4.38 0.82
CA ALA A 107 12.66 4.01 -0.43
C ALA A 107 11.79 3.22 -1.38
N ARG A 108 11.63 3.78 -2.58
CA ARG A 108 10.93 3.13 -3.69
C ARG A 108 12.04 2.51 -4.52
N VAL A 109 12.02 1.17 -4.50
CA VAL A 109 13.06 0.34 -5.08
C VAL A 109 12.56 -0.73 -6.04
N TYR A 110 13.52 -1.46 -6.60
CA TYR A 110 13.20 -2.65 -7.38
C TYR A 110 13.23 -3.85 -6.44
N LYS A 111 14.41 -4.19 -5.89
CA LYS A 111 14.60 -5.33 -5.02
C LYS A 111 14.19 -5.14 -3.57
N GLN A 112 13.33 -6.03 -3.06
CA GLN A 112 12.96 -6.02 -1.64
C GLN A 112 14.20 -6.26 -0.77
N SER A 113 15.16 -7.03 -1.30
CA SER A 113 16.42 -7.31 -0.61
C SER A 113 17.25 -6.04 -0.39
N ASP A 114 17.08 -5.00 -1.24
CA ASP A 114 17.71 -3.71 -1.00
C ASP A 114 17.12 -3.05 0.24
N LEU A 115 15.80 -3.19 0.46
CA LEU A 115 15.15 -2.69 1.67
C LEU A 115 15.59 -3.45 2.90
N ASP A 116 15.88 -4.76 2.76
CA ASP A 116 16.39 -5.57 3.85
C ASP A 116 17.79 -5.13 4.27
N THR A 117 18.67 -4.86 3.29
CA THR A 117 20.04 -4.39 3.58
C THR A 117 20.00 -3.04 4.28
N LEU A 118 19.16 -2.13 3.76
CA LEU A 118 18.93 -0.82 4.36
C LEU A 118 18.43 -0.95 5.80
N ALA A 119 17.50 -1.85 6.10
CA ALA A 119 16.99 -2.03 7.46
C ALA A 119 18.03 -2.65 8.41
N LYS A 120 18.82 -3.59 7.91
CA LYS A 120 19.89 -4.22 8.68
C LYS A 120 21.03 -3.24 8.95
N GLU A 121 21.44 -2.47 7.93
CA GLU A 121 22.56 -1.56 8.06
C GLU A 121 22.33 -0.18 8.65
N ALA A 122 21.08 0.28 8.61
CA ALA A 122 20.72 1.54 9.22
C ALA A 122 20.13 1.35 10.61
N SER A 123 20.39 2.29 11.47
CA SER A 123 19.83 2.28 12.82
C SER A 123 18.61 3.19 12.93
N ILE A 124 18.04 3.62 11.80
CA ILE A 124 16.86 4.49 11.76
C ILE A 124 15.75 3.73 11.01
N PRO A 125 14.43 3.98 11.20
CA PRO A 125 13.35 3.31 10.46
C PRO A 125 13.43 3.41 8.95
N ILE A 126 13.24 2.26 8.28
CA ILE A 126 13.21 2.17 6.82
C ILE A 126 11.76 1.82 6.45
N ILE A 127 11.15 2.67 5.61
CA ILE A 127 9.79 2.45 5.13
C ILE A 127 9.85 2.11 3.63
N ASN A 128 9.10 1.05 3.26
CA ASN A 128 8.97 0.61 1.88
C ASN A 128 8.11 1.62 1.14
N GLY A 129 8.62 2.24 0.07
CA GLY A 129 7.86 3.18 -0.73
C GLY A 129 7.32 2.55 -2.01
N LEU A 130 7.44 1.21 -2.10
CA LEU A 130 7.11 0.25 -3.17
C LEU A 130 8.39 -0.44 -3.61
N SER A 131 8.28 -1.78 -3.65
CA SER A 131 9.30 -2.63 -4.23
C SER A 131 8.62 -3.52 -5.26
N ASP A 132 9.39 -4.35 -5.96
CA ASP A 132 8.81 -5.31 -6.90
C ASP A 132 7.95 -6.37 -6.21
N LEU A 133 8.25 -6.64 -4.95
CA LEU A 133 7.54 -7.66 -4.18
C LEU A 133 6.37 -7.18 -3.35
N TYR A 134 6.47 -6.04 -2.63
CA TYR A 134 5.40 -5.58 -1.75
C TYR A 134 5.18 -4.07 -1.84
N HIS A 135 3.95 -3.62 -1.54
CA HIS A 135 3.69 -2.19 -1.42
C HIS A 135 2.75 -1.96 -0.23
N PRO A 136 3.20 -2.20 1.01
CA PRO A 136 2.39 -2.11 2.22
C PRO A 136 1.67 -0.79 2.47
N ILE A 137 2.29 0.37 2.18
CA ILE A 137 1.65 1.65 2.49
C ILE A 137 0.47 1.95 1.59
N GLN A 138 0.39 1.33 0.41
CA GLN A 138 -0.79 1.47 -0.45
C GLN A 138 -2.02 0.85 0.22
N ILE A 139 -1.84 -0.35 0.78
CA ILE A 139 -2.95 -1.05 1.41
C ILE A 139 -3.44 -0.31 2.65
N LEU A 140 -2.55 0.42 3.35
CA LEU A 140 -3.00 1.25 4.47
C LEU A 140 -4.02 2.29 3.98
N ALA A 141 -3.72 2.98 2.87
CA ALA A 141 -4.64 3.94 2.28
C ALA A 141 -5.95 3.29 1.84
N ASP A 142 -5.84 2.12 1.20
CA ASP A 142 -6.99 1.35 0.76
C ASP A 142 -7.94 0.96 1.88
N TYR A 143 -7.41 0.39 2.96
CA TYR A 143 -8.29 -0.06 4.04
C TYR A 143 -8.85 1.11 4.84
N LEU A 144 -8.15 2.25 4.95
CA LEU A 144 -8.72 3.44 5.59
C LEU A 144 -9.89 3.94 4.74
N THR A 145 -9.71 3.96 3.40
CA THR A 145 -10.75 4.42 2.47
C THR A 145 -11.98 3.54 2.58
N LEU A 146 -11.81 2.21 2.68
CA LEU A 146 -12.95 1.31 2.80
C LEU A 146 -13.61 1.41 4.17
N GLN A 147 -12.85 1.64 5.25
CA GLN A 147 -13.45 1.81 6.57
C GLN A 147 -14.29 3.08 6.54
N GLU A 148 -13.79 4.17 5.92
CA GLU A 148 -14.58 5.38 5.83
C GLU A 148 -15.83 5.20 4.99
N HIS A 149 -15.80 4.40 3.92
CA HIS A 149 -16.97 4.18 3.08
C HIS A 149 -18.01 3.28 3.76
N TYR A 150 -17.59 2.14 4.27
CA TYR A 150 -18.51 1.15 4.85
C TYR A 150 -18.77 1.24 6.34
N SER A 151 -17.98 2.03 7.09
CA SER A 151 -18.01 2.21 8.55
C SER A 151 -17.50 1.03 9.35
N SER A 152 -16.93 0.04 8.65
CA SER A 152 -16.25 -1.12 9.22
C SER A 152 -15.61 -1.93 8.11
N LEU A 153 -14.78 -2.92 8.48
CA LEU A 153 -14.07 -3.74 7.52
C LEU A 153 -14.35 -5.23 7.61
N LYS A 154 -14.59 -5.77 8.81
CA LYS A 154 -14.82 -7.19 9.01
C LYS A 154 -15.93 -7.82 8.14
N GLY A 155 -15.55 -8.88 7.43
CA GLY A 155 -16.47 -9.62 6.58
C GLY A 155 -16.57 -9.11 5.14
N LEU A 156 -15.90 -8.01 4.76
CA LEU A 156 -15.93 -7.57 3.38
C LEU A 156 -15.17 -8.57 2.52
N THR A 157 -15.58 -8.71 1.26
CA THR A 157 -14.86 -9.56 0.32
C THR A 157 -14.21 -8.63 -0.68
N LEU A 158 -12.88 -8.77 -0.73
CA LEU A 158 -12.07 -8.06 -1.69
C LEU A 158 -11.91 -8.95 -2.92
N SER A 159 -12.20 -8.38 -4.08
CA SER A 159 -12.10 -9.05 -5.37
C SER A 159 -11.03 -8.43 -6.25
N TRP A 160 -9.84 -9.06 -6.28
CA TRP A 160 -8.76 -8.63 -7.16
C TRP A 160 -8.87 -9.29 -8.53
N ILE A 161 -8.75 -8.46 -9.57
CA ILE A 161 -8.65 -8.94 -10.95
C ILE A 161 -7.45 -8.21 -11.53
N GLY A 162 -6.46 -8.97 -11.99
CA GLY A 162 -5.27 -8.37 -12.59
C GLY A 162 -4.03 -9.22 -12.42
N ASP A 163 -2.87 -8.57 -12.31
CA ASP A 163 -1.58 -9.23 -12.19
C ASP A 163 -1.31 -9.71 -10.77
N GLY A 164 -0.51 -10.78 -10.64
CA GLY A 164 -0.10 -11.28 -9.34
C GLY A 164 1.16 -10.51 -8.93
N ASN A 165 0.92 -9.24 -8.61
CA ASN A 165 1.99 -8.28 -8.33
C ASN A 165 2.10 -7.82 -6.88
N ASN A 166 2.90 -6.77 -6.66
CA ASN A 166 3.16 -6.20 -5.34
C ASN A 166 1.95 -5.78 -4.52
N ILE A 167 0.92 -5.20 -5.18
CA ILE A 167 -0.31 -4.74 -4.56
C ILE A 167 -1.10 -5.96 -4.08
N LEU A 168 -1.27 -6.99 -4.94
CA LEU A 168 -1.99 -8.19 -4.51
C LEU A 168 -1.25 -8.86 -3.36
N HIS A 169 0.09 -8.92 -3.40
CA HIS A 169 0.87 -9.51 -2.30
C HIS A 169 0.62 -8.81 -0.98
N SER A 170 0.60 -7.46 -0.98
CA SER A 170 0.29 -6.68 0.21
C SER A 170 -1.14 -6.88 0.72
N ILE A 171 -2.13 -7.02 -0.18
CA ILE A 171 -3.49 -7.36 0.23
C ILE A 171 -3.48 -8.76 0.88
N MET A 172 -2.76 -9.72 0.25
CA MET A 172 -2.64 -11.08 0.78
C MET A 172 -1.96 -11.09 2.15
N MET A 173 -1.02 -10.19 2.43
CA MET A 173 -0.38 -10.15 3.74
C MET A 173 -1.22 -9.49 4.82
N SER A 174 -2.39 -8.96 4.47
CA SER A 174 -3.18 -8.18 5.43
C SER A 174 -4.68 -8.38 5.51
N ALA A 175 -5.38 -8.77 4.44
CA ALA A 175 -6.85 -8.85 4.45
C ALA A 175 -7.46 -9.76 5.52
N ALA A 176 -6.94 -10.98 5.68
CA ALA A 176 -7.43 -11.90 6.69
C ALA A 176 -7.25 -11.39 8.12
N LYS A 177 -6.19 -10.60 8.41
CA LYS A 177 -5.94 -10.03 9.72
C LYS A 177 -7.04 -9.06 10.16
N PHE A 178 -7.79 -8.56 9.17
CA PHE A 178 -8.93 -7.71 9.38
C PHE A 178 -10.25 -8.48 9.28
N GLY A 179 -10.20 -9.80 9.12
CA GLY A 179 -11.40 -10.60 8.95
C GLY A 179 -12.03 -10.40 7.58
N MET A 180 -11.24 -9.99 6.58
CA MET A 180 -11.74 -9.83 5.22
C MET A 180 -11.37 -11.02 4.34
N HIS A 181 -12.31 -11.36 3.44
CA HIS A 181 -12.11 -12.45 2.49
C HIS A 181 -11.43 -11.93 1.22
N LEU A 182 -10.71 -12.81 0.53
CA LEU A 182 -10.02 -12.44 -0.70
C LEU A 182 -10.29 -13.45 -1.82
N GLN A 183 -10.76 -12.94 -2.96
CA GLN A 183 -10.97 -13.72 -4.16
C GLN A 183 -10.19 -12.99 -5.23
N ALA A 184 -9.18 -13.66 -5.77
CA ALA A 184 -8.26 -13.06 -6.72
C ALA A 184 -8.08 -13.83 -8.02
N ALA A 185 -8.28 -13.13 -9.13
CA ALA A 185 -8.08 -13.69 -10.46
C ALA A 185 -6.88 -13.09 -11.15
N THR A 186 -5.94 -13.93 -11.61
CA THR A 186 -4.81 -13.48 -12.44
C THR A 186 -4.81 -14.36 -13.68
N PRO A 187 -4.20 -13.98 -14.82
CA PRO A 187 -3.91 -14.89 -15.92
C PRO A 187 -3.00 -16.03 -15.48
N LYS A 188 -3.12 -17.13 -16.24
CA LYS A 188 -2.30 -18.31 -16.01
C LYS A 188 -0.85 -17.93 -16.29
N GLY A 189 0.08 -18.32 -15.41
CA GLY A 189 1.47 -17.91 -15.52
C GLY A 189 1.74 -16.56 -14.86
N TYR A 190 0.73 -15.82 -14.38
CA TYR A 190 0.93 -14.53 -13.73
C TYR A 190 0.40 -14.53 -12.31
N GLU A 191 0.47 -15.70 -11.65
CA GLU A 191 -0.04 -15.88 -10.31
C GLU A 191 0.80 -15.13 -9.29
N PRO A 192 0.31 -14.80 -8.10
CA PRO A 192 1.13 -14.39 -6.97
C PRO A 192 2.21 -15.41 -6.61
N ASP A 193 3.27 -14.87 -6.01
CA ASP A 193 4.39 -15.64 -5.48
C ASP A 193 3.90 -16.80 -4.64
N ALA A 194 4.39 -18.02 -4.91
CA ALA A 194 3.96 -19.17 -4.13
C ALA A 194 4.17 -19.03 -2.62
N SER A 195 5.23 -18.35 -2.16
CA SER A 195 5.48 -18.15 -0.73
C SER A 195 4.47 -17.23 -0.07
N VAL A 196 4.06 -16.20 -0.82
CA VAL A 196 3.04 -15.24 -0.35
C VAL A 196 1.68 -15.94 -0.24
N THR A 197 1.31 -16.69 -1.29
CA THR A 197 0.07 -17.48 -1.31
C THR A 197 0.01 -18.44 -0.13
N LYS A 198 1.14 -19.09 0.16
CA LYS A 198 1.22 -20.04 1.24
C LYS A 198 0.94 -19.36 2.57
N LEU A 199 1.53 -18.18 2.78
CA LEU A 199 1.34 -17.45 4.01
C LEU A 199 -0.06 -16.86 4.08
N ALA A 200 -0.66 -16.43 2.95
CA ALA A 200 -2.04 -15.96 2.91
C ALA A 200 -3.04 -17.07 3.26
N GLU A 201 -2.76 -18.33 2.89
CA GLU A 201 -3.58 -19.49 3.27
C GLU A 201 -3.61 -19.71 4.78
N GLN A 202 -2.45 -19.57 5.41
CA GLN A 202 -2.27 -19.65 6.85
C GLN A 202 -3.02 -18.55 7.57
N TYR A 203 -2.91 -17.28 7.11
CA TYR A 203 -3.64 -16.17 7.71
C TYR A 203 -5.15 -16.36 7.62
N ALA A 204 -5.61 -16.85 6.45
CA ALA A 204 -7.03 -17.14 6.22
C ALA A 204 -7.54 -18.20 7.19
N LYS A 205 -6.73 -19.23 7.43
CA LYS A 205 -7.06 -20.28 8.38
C LYS A 205 -7.10 -19.77 9.81
N GLU A 206 -6.14 -18.96 10.22
CA GLU A 206 -6.07 -18.41 11.57
C GLU A 206 -7.22 -17.47 11.90
N ASN A 207 -7.66 -16.73 10.87
CA ASN A 207 -8.71 -15.75 11.03
C ASN A 207 -10.09 -16.19 10.58
N GLY A 208 -10.20 -17.40 10.00
CA GLY A 208 -11.46 -17.98 9.56
C GLY A 208 -12.06 -17.25 8.37
N THR A 209 -11.19 -16.82 7.46
CA THR A 209 -11.63 -16.12 6.26
C THR A 209 -11.35 -16.99 5.04
N LYS A 210 -11.95 -16.61 3.90
CA LYS A 210 -11.70 -17.37 2.69
C LYS A 210 -10.67 -16.68 1.82
N LEU A 211 -9.97 -17.55 1.08
CA LEU A 211 -8.94 -17.17 0.13
C LEU A 211 -9.23 -18.01 -1.09
N LEU A 212 -9.47 -17.35 -2.21
CA LEU A 212 -9.70 -18.01 -3.48
C LEU A 212 -8.79 -17.39 -4.52
N LEU A 213 -8.03 -18.26 -5.18
CA LEU A 213 -7.20 -17.86 -6.31
C LEU A 213 -7.75 -18.57 -7.53
N THR A 214 -7.99 -17.82 -8.60
CA THR A 214 -8.59 -18.35 -9.82
C THR A 214 -7.97 -17.67 -11.04
N ASN A 215 -8.33 -18.15 -12.24
CA ASN A 215 -7.93 -17.46 -13.47
C ASN A 215 -9.16 -16.81 -14.09
N ASP A 216 -10.32 -16.92 -13.44
CA ASP A 216 -11.55 -16.39 -13.99
C ASP A 216 -11.96 -15.11 -13.31
N PRO A 217 -12.02 -13.98 -14.04
CA PRO A 217 -12.44 -12.67 -13.54
C PRO A 217 -13.81 -12.66 -12.84
N LEU A 218 -14.82 -13.28 -13.45
CA LEU A 218 -16.15 -13.32 -12.85
C LEU A 218 -16.21 -14.19 -11.60
N GLU A 219 -15.38 -15.25 -11.49
CA GLU A 219 -15.28 -16.00 -10.24
C GLU A 219 -14.69 -15.12 -9.14
N ALA A 220 -13.64 -14.33 -9.42
CA ALA A 220 -13.08 -13.42 -8.41
C ALA A 220 -14.09 -12.35 -8.03
N ALA A 221 -14.82 -11.75 -9.00
CA ALA A 221 -15.82 -10.71 -8.75
C ALA A 221 -17.09 -11.16 -8.04
N HIS A 222 -17.45 -12.44 -8.13
CA HIS A 222 -18.69 -12.93 -7.55
C HIS A 222 -18.86 -12.75 -6.03
N GLY A 223 -19.89 -11.96 -5.72
CA GLY A 223 -20.21 -11.63 -4.34
C GLY A 223 -19.21 -10.69 -3.69
N GLY A 224 -18.24 -10.13 -4.43
CA GLY A 224 -17.25 -9.22 -3.85
C GLY A 224 -17.81 -7.84 -3.53
N ASN A 225 -17.44 -7.28 -2.38
CA ASN A 225 -17.89 -5.94 -2.01
C ASN A 225 -16.98 -4.90 -2.64
N VAL A 226 -15.69 -5.21 -2.85
CA VAL A 226 -14.75 -4.27 -3.44
C VAL A 226 -14.04 -4.87 -4.66
N LEU A 227 -14.18 -4.24 -5.82
CA LEU A 227 -13.45 -4.63 -7.04
C LEU A 227 -12.13 -3.86 -7.08
N ILE A 228 -11.01 -4.55 -7.27
CA ILE A 228 -9.68 -3.94 -7.24
C ILE A 228 -8.84 -4.42 -8.43
N THR A 229 -8.22 -3.47 -9.13
CA THR A 229 -7.28 -3.79 -10.19
C THR A 229 -6.11 -2.79 -10.15
N ASP A 230 -5.19 -2.93 -11.11
CA ASP A 230 -3.98 -2.12 -11.25
C ASP A 230 -3.46 -2.38 -12.66
N THR A 231 -2.43 -1.65 -13.10
CA THR A 231 -1.81 -1.86 -14.40
C THR A 231 -1.34 -3.30 -14.62
N TRP A 232 -1.45 -3.72 -15.87
CA TRP A 232 -0.98 -5.03 -16.29
C TRP A 232 0.54 -5.03 -16.47
N ILE A 233 1.12 -3.85 -16.67
CA ILE A 233 2.55 -3.68 -16.89
C ILE A 233 3.09 -2.71 -15.85
N SER A 234 3.55 -3.32 -14.74
CA SER A 234 4.15 -2.59 -13.64
C SER A 234 5.49 -1.95 -14.01
N MET A 235 5.96 -0.93 -13.27
CA MET A 235 7.24 -0.29 -13.55
C MET A 235 8.38 -1.31 -13.48
N GLY A 236 9.22 -1.32 -14.53
CA GLY A 236 10.32 -2.27 -14.68
C GLY A 236 9.93 -3.46 -15.56
N ARG A 237 8.68 -3.54 -16.00
CA ARG A 237 8.20 -4.66 -16.80
C ARG A 237 7.80 -4.24 -18.21
N GLU A 238 8.14 -3.02 -18.66
CA GLU A 238 7.74 -2.51 -19.96
C GLU A 238 8.19 -3.33 -21.17
N GLU A 239 9.24 -4.14 -21.02
CA GLU A 239 9.73 -5.03 -22.07
C GLU A 239 8.72 -6.11 -22.43
N GLU A 240 7.84 -6.46 -21.47
CA GLU A 240 6.83 -7.48 -21.61
C GLU A 240 5.48 -6.98 -22.05
N LYS A 241 5.34 -5.73 -22.51
CA LYS A 241 4.07 -5.15 -22.93
C LYS A 241 3.30 -6.02 -23.91
N LYS A 242 3.92 -6.44 -25.03
CA LYS A 242 3.29 -7.28 -26.03
C LYS A 242 2.73 -8.59 -25.52
N LYS A 243 3.55 -9.36 -24.78
CA LYS A 243 3.13 -10.61 -24.18
C LYS A 243 2.03 -10.43 -23.15
N ARG A 244 2.07 -9.34 -22.36
CA ARG A 244 1.07 -9.08 -21.33
C ARG A 244 -0.25 -8.59 -21.90
N LEU A 245 -0.22 -7.79 -22.97
CA LEU A 245 -1.46 -7.35 -23.59
C LEU A 245 -2.25 -8.50 -24.18
N GLN A 246 -1.52 -9.51 -24.65
CA GLN A 246 -2.13 -10.70 -25.20
C GLN A 246 -2.66 -11.61 -24.10
N ALA A 247 -1.86 -11.87 -23.06
CA ALA A 247 -2.24 -12.71 -21.94
C ALA A 247 -3.35 -12.17 -21.05
N PHE A 248 -3.46 -10.85 -20.95
CA PHE A 248 -4.47 -10.27 -20.10
C PHE A 248 -5.79 -9.91 -20.76
N GLN A 249 -6.02 -10.30 -22.02
CA GLN A 249 -7.32 -10.05 -22.66
C GLN A 249 -8.41 -10.78 -21.88
N GLY A 250 -9.50 -10.05 -21.68
CA GLY A 250 -10.62 -10.52 -20.89
C GLY A 250 -10.49 -10.13 -19.41
N TYR A 251 -9.42 -9.44 -19.00
CA TYR A 251 -9.26 -9.08 -17.60
C TYR A 251 -9.57 -7.63 -17.30
N GLN A 252 -10.14 -6.89 -18.25
CA GLN A 252 -10.57 -5.53 -17.99
C GLN A 252 -11.81 -5.56 -17.09
N VAL A 253 -11.81 -4.72 -16.04
CA VAL A 253 -12.95 -4.56 -15.15
C VAL A 253 -13.94 -3.60 -15.83
N THR A 254 -15.19 -4.08 -15.96
CA THR A 254 -16.27 -3.35 -16.60
C THR A 254 -17.55 -3.47 -15.76
N MET A 255 -18.66 -2.88 -16.21
CA MET A 255 -19.93 -3.04 -15.50
C MET A 255 -20.44 -4.48 -15.57
N LYS A 256 -19.98 -5.28 -16.54
CA LYS A 256 -20.27 -6.71 -16.60
C LYS A 256 -19.65 -7.41 -15.39
N THR A 257 -18.44 -6.96 -15.00
CA THR A 257 -17.73 -7.47 -13.84
C THR A 257 -18.52 -7.13 -12.57
N ALA A 258 -18.96 -5.87 -12.52
CA ALA A 258 -19.69 -5.35 -11.38
C ALA A 258 -21.09 -5.96 -11.20
N LYS A 259 -21.70 -6.47 -12.28
CA LYS A 259 -23.03 -7.07 -12.24
C LYS A 259 -23.10 -8.32 -11.36
N VAL A 260 -21.95 -8.97 -11.25
CA VAL A 260 -21.71 -10.19 -10.50
C VAL A 260 -21.31 -9.94 -9.05
N ALA A 261 -20.86 -8.70 -8.74
CA ALA A 261 -20.41 -8.33 -7.41
C ALA A 261 -21.56 -8.06 -6.45
N ALA A 262 -21.30 -7.89 -5.14
CA ALA A 262 -22.35 -7.58 -4.17
C ALA A 262 -23.02 -6.25 -4.53
N SER A 263 -24.25 -6.04 -4.05
CA SER A 263 -24.98 -4.83 -4.41
C SER A 263 -24.37 -3.52 -3.93
N ASP A 264 -23.57 -3.57 -2.88
CA ASP A 264 -22.91 -2.40 -2.34
C ASP A 264 -21.49 -2.26 -2.86
N TRP A 265 -21.18 -2.82 -4.03
CA TRP A 265 -19.83 -2.79 -4.55
C TRP A 265 -19.24 -1.40 -4.74
N THR A 266 -17.93 -1.31 -4.47
CA THR A 266 -17.12 -0.14 -4.73
C THR A 266 -15.89 -0.58 -5.52
N PHE A 267 -15.06 0.37 -5.99
CA PHE A 267 -13.89 0.10 -6.80
C PHE A 267 -12.64 0.87 -6.35
N LEU A 268 -11.50 0.16 -6.35
CA LEU A 268 -10.17 0.69 -6.02
C LEU A 268 -9.15 0.42 -7.13
N HIS A 269 -8.21 1.36 -7.25
CA HIS A 269 -7.06 1.27 -8.14
C HIS A 269 -6.01 2.21 -7.55
N CYS A 270 -4.81 1.67 -7.31
CA CYS A 270 -3.70 2.41 -6.69
C CYS A 270 -3.18 3.61 -7.48
N LEU A 271 -3.44 3.58 -8.81
CA LEU A 271 -3.01 4.53 -9.83
C LEU A 271 -1.49 4.52 -10.03
N PRO A 272 -0.91 4.95 -11.17
CA PRO A 272 -1.61 5.43 -12.37
C PRO A 272 -2.38 4.35 -13.14
N ARG A 273 -3.55 4.79 -13.63
CA ARG A 273 -4.44 3.93 -14.40
C ARG A 273 -4.31 4.18 -15.90
N LYS A 274 -4.39 3.07 -16.61
CA LYS A 274 -4.39 3.04 -18.08
C LYS A 274 -5.71 2.47 -18.57
N PRO A 275 -6.14 2.63 -19.84
CA PRO A 275 -7.43 2.12 -20.30
C PRO A 275 -7.62 0.60 -20.35
N GLU A 276 -6.54 -0.15 -20.34
CA GLU A 276 -6.54 -1.60 -20.39
C GLU A 276 -7.20 -2.34 -19.23
N GLU A 277 -6.83 -2.06 -17.97
CA GLU A 277 -7.32 -2.75 -16.77
C GLU A 277 -8.76 -2.51 -16.36
N VAL A 278 -9.26 -1.32 -16.66
CA VAL A 278 -10.60 -0.93 -16.27
C VAL A 278 -11.09 0.10 -17.27
N ASP A 279 -12.41 0.11 -17.57
CA ASP A 279 -12.93 1.12 -18.46
C ASP A 279 -13.33 2.38 -17.70
N ASP A 280 -13.69 3.42 -18.46
CA ASP A 280 -14.10 4.70 -17.90
C ASP A 280 -15.38 4.68 -17.10
N GLU A 281 -16.31 3.81 -17.49
CA GLU A 281 -17.59 3.73 -16.80
C GLU A 281 -17.39 3.25 -15.37
N VAL A 282 -16.52 2.27 -15.13
CA VAL A 282 -16.24 1.86 -13.76
C VAL A 282 -15.27 2.86 -13.09
N PHE A 283 -14.17 3.26 -13.75
CA PHE A 283 -13.19 4.16 -13.14
C PHE A 283 -13.75 5.48 -12.60
N TYR A 284 -14.68 6.05 -13.37
CA TYR A 284 -15.31 7.31 -13.03
C TYR A 284 -16.72 7.15 -12.49
N SER A 285 -17.12 5.92 -12.13
CA SER A 285 -18.40 5.61 -11.51
C SER A 285 -18.52 6.32 -10.15
N PRO A 286 -19.72 6.72 -9.66
CA PRO A 286 -19.92 7.08 -8.26
C PRO A 286 -19.50 6.04 -7.23
N ARG A 287 -19.37 4.77 -7.66
CA ARG A 287 -18.93 3.68 -6.81
C ARG A 287 -17.41 3.62 -6.79
N SER A 288 -16.68 4.34 -7.67
CA SER A 288 -15.22 4.34 -7.68
C SER A 288 -14.65 5.22 -6.57
N LEU A 289 -13.83 4.60 -5.70
CA LEU A 289 -13.21 5.31 -4.59
C LEU A 289 -11.75 5.67 -4.85
N VAL A 290 -11.35 5.65 -6.12
CA VAL A 290 -9.99 5.92 -6.57
C VAL A 290 -9.38 7.23 -6.08
N PHE A 291 -10.11 8.35 -6.16
CA PHE A 291 -9.52 9.61 -5.73
C PHE A 291 -9.56 9.79 -4.21
N PRO A 292 -10.59 9.42 -3.41
CA PRO A 292 -10.48 9.25 -1.96
C PRO A 292 -9.31 8.39 -1.47
N GLU A 293 -9.10 7.28 -2.18
CA GLU A 293 -8.03 6.34 -1.93
C GLU A 293 -6.68 7.01 -2.10
N ALA A 294 -6.48 7.73 -3.22
CA ALA A 294 -5.26 8.47 -3.49
C ALA A 294 -5.01 9.52 -2.40
N GLU A 295 -6.05 10.27 -1.98
CA GLU A 295 -5.87 11.22 -0.89
C GLU A 295 -5.37 10.55 0.38
N ASN A 296 -5.95 9.38 0.72
CA ASN A 296 -5.55 8.70 1.94
C ASN A 296 -4.15 8.14 1.97
N ARG A 297 -3.40 8.20 0.86
CA ARG A 297 -1.98 7.90 0.85
C ARG A 297 -1.25 8.89 1.77
N LYS A 298 -1.74 10.14 1.81
CA LYS A 298 -1.15 11.19 2.62
C LYS A 298 -1.42 10.99 4.09
N TRP A 299 -2.66 10.82 4.56
CA TRP A 299 -2.91 10.67 5.99
C TRP A 299 -2.33 9.37 6.53
N THR A 300 -2.26 8.30 5.72
CA THR A 300 -1.64 7.09 6.20
C THR A 300 -0.10 7.17 6.23
N ILE A 301 0.64 7.81 5.30
CA ILE A 301 2.10 7.84 5.45
C ILE A 301 2.48 8.77 6.61
N MET A 302 1.66 9.79 6.93
CA MET A 302 1.86 10.66 8.08
C MET A 302 1.77 9.83 9.35
N ALA A 303 0.76 8.96 9.43
CA ALA A 303 0.60 8.07 10.57
C ALA A 303 1.74 7.08 10.69
N VAL A 304 2.25 6.54 9.58
CA VAL A 304 3.41 5.63 9.62
C VAL A 304 4.61 6.33 10.26
N MET A 305 4.96 7.52 9.75
CA MET A 305 6.07 8.30 10.26
C MET A 305 5.89 8.70 11.72
N VAL A 306 4.70 9.15 12.13
CA VAL A 306 4.47 9.51 13.51
C VAL A 306 4.63 8.28 14.41
N SER A 307 4.08 7.11 14.01
CA SER A 307 4.17 5.92 14.83
C SER A 307 5.58 5.30 14.92
N LEU A 308 6.40 5.46 13.88
CA LEU A 308 7.76 4.92 13.92
C LEU A 308 8.78 5.88 14.56
N LEU A 309 8.47 7.18 14.66
CA LEU A 309 9.41 8.18 15.17
C LEU A 309 9.05 8.90 16.47
N THR A 310 7.81 8.77 16.96
CA THR A 310 7.41 9.50 18.17
C THR A 310 6.66 8.57 19.13
N ASP A 311 6.25 9.15 20.25
CA ASP A 311 5.41 8.47 21.21
C ASP A 311 4.02 9.11 21.26
N TYR A 312 3.59 9.73 20.15
CA TYR A 312 2.27 10.33 20.07
C TYR A 312 1.16 9.28 20.21
N SER A 313 0.14 9.60 21.02
CA SER A 313 -1.02 8.74 21.20
C SER A 313 -2.21 9.34 20.48
N PRO A 314 -2.95 8.63 19.63
CA PRO A 314 -4.20 9.11 19.03
C PRO A 314 -5.20 9.67 20.04
N GLN A 315 -5.73 10.87 19.82
CA GLN A 315 -6.77 11.44 20.68
C GLN A 315 -8.16 10.95 20.27
N LEU A 316 -8.32 10.59 18.98
CA LEU A 316 -9.58 10.11 18.44
C LEU A 316 -10.00 8.78 19.04
N GLN A 317 -11.32 8.60 19.11
CA GLN A 317 -11.92 7.31 19.46
C GLN A 317 -11.47 6.30 18.41
N LYS A 318 -11.13 5.05 18.76
CA LYS A 318 -10.72 4.06 17.77
C LYS A 318 -11.87 3.80 16.80
N PRO A 319 -11.66 3.90 15.46
CA PRO A 319 -12.65 3.50 14.47
C PRO A 319 -13.06 2.05 14.54
N LYS A 320 -14.29 1.77 14.11
CA LYS A 320 -14.77 0.40 14.06
C LYS A 320 -14.17 -0.31 12.85
N PHE A 321 -13.49 -1.43 13.11
CA PHE A 321 -12.93 -2.25 12.04
C PHE A 321 -13.70 -3.56 11.96
N PAO B . 1.99 -2.51 -9.59
CA PAO B . 2.27 -1.09 -9.77
CB PAO B . 1.91 -0.35 -8.47
CG PAO B . 1.95 1.17 -8.55
CD PAO B . 1.64 1.81 -7.19
NE PAO B . 1.26 3.19 -7.35
C PAO B . 3.74 -0.95 -10.10
O PAO B . 4.08 -0.25 -11.05
OXT PAO B . 4.57 -1.57 -9.42
C1 PAO B . 1.51 4.14 -6.44
O1 PAO B . 2.10 3.93 -5.38
C1P PAO B . 1.05 5.52 -6.85
P PAO B . 2.49 6.48 -7.38
O1P PAO B . 3.39 5.60 -8.37
O2P PAO B . 3.37 6.88 -6.12
O3P PAO B . 2.00 7.79 -8.14
#